data_5MQY
#
_entry.id   5MQY
#
_cell.length_a   45.907
_cell.length_b   57.200
_cell.length_c   75.735
_cell.angle_alpha   90.00
_cell.angle_beta   90.00
_cell.angle_gamma   90.00
#
_symmetry.space_group_name_H-M   'P 21 21 21'
#
loop_
_entity.id
_entity.type
_entity.pdbx_description
1 polymer 'Cathepsin L1'
2 non-polymer 4-[1,3-benzodioxol-5-ylmethyl(2-phenoxyethyl)amino]-5-fluoropyrimidine-2-carbonitrile
3 non-polymer 1,2-ETHANEDIOL
4 water water
#
_entity_poly.entity_id   1
_entity_poly.type   'polypeptide(L)'
_entity_poly.pdbx_seq_one_letter_code
;APRSVDWREKGYVTPVKNQGQCGSCWAFSATGALEGQMFRKTGRLISLSEQNLVDCSGPQGNEGCNGGLMDYAFQYVQDN
GGLDSEESYPYEATEESCKYNPKYSVANDTGFVDIPKQEKALMKAVATVGPISVAIDAGHESFLFYKEGIYFEPDCSSED
MDHGVLVVGYGFESTESDNNKYWLVKNSWGEEWGMGGYVKMAKDRRNHCGIASAASYPTV
;
_entity_poly.pdbx_strand_id   A
#
loop_
_chem_comp.id
_chem_comp.type
_chem_comp.name
_chem_comp.formula
EDO non-polymer 1,2-ETHANEDIOL 'C2 H6 O2'
GH4 non-polymer 4-[1,3-benzodioxol-5-ylmethyl(2-phenoxyethyl)amino]-5-fluoropyrimidine-2-carbonitrile 'C21 H19 F N4 O3'
#
# COMPACT_ATOMS: atom_id res chain seq x y z
N ALA A 1 8.68 -20.51 2.62
CA ALA A 1 8.23 -19.61 1.52
C ALA A 1 9.28 -19.66 0.37
N PRO A 2 8.89 -19.19 -0.87
CA PRO A 2 9.88 -19.06 -1.90
C PRO A 2 10.97 -18.07 -1.47
N ARG A 3 12.14 -18.19 -2.06
CA ARG A 3 13.25 -17.34 -1.69
C ARG A 3 13.08 -15.92 -2.15
N SER A 4 12.29 -15.73 -3.16
N SER A 4 12.40 -15.77 -3.29
CA SER A 4 12.01 -14.37 -3.53
CA SER A 4 12.13 -14.42 -3.92
C SER A 4 10.63 -14.47 -4.05
C SER A 4 10.70 -14.38 -4.44
N VAL A 5 9.95 -13.30 -4.10
CA VAL A 5 8.57 -13.11 -4.64
C VAL A 5 8.54 -11.68 -5.26
N ASP A 6 7.94 -11.61 -6.42
CA ASP A 6 7.66 -10.25 -7.03
C ASP A 6 6.34 -10.36 -7.72
N TRP A 7 5.28 -9.83 -7.03
CA TRP A 7 3.90 -9.87 -7.58
C TRP A 7 3.77 -9.03 -8.83
N ARG A 8 4.71 -8.08 -9.08
CA ARG A 8 4.63 -7.32 -10.34
C ARG A 8 4.69 -8.31 -11.53
N GLU A 9 5.56 -9.34 -11.37
CA GLU A 9 5.76 -10.28 -12.52
C GLU A 9 4.52 -11.06 -12.87
N LYS A 10 3.55 -11.18 -11.93
CA LYS A 10 2.31 -11.96 -12.15
C LYS A 10 1.16 -11.06 -12.49
N GLY A 11 1.37 -9.70 -12.59
CA GLY A 11 0.22 -8.90 -13.09
C GLY A 11 -0.67 -8.28 -11.98
N TYR A 12 -0.21 -8.32 -10.77
CA TYR A 12 -1.01 -7.87 -9.59
C TYR A 12 -0.91 -6.34 -9.32
N VAL A 13 0.03 -5.63 -9.96
CA VAL A 13 0.46 -4.28 -9.51
C VAL A 13 0.32 -3.27 -10.63
N THR A 14 -0.43 -2.20 -10.30
CA THR A 14 -0.55 -1.08 -11.27
C THR A 14 0.76 -0.29 -11.27
N PRO A 15 0.92 0.62 -12.27
CA PRO A 15 2.05 1.54 -12.22
C PRO A 15 2.12 2.41 -10.96
N VAL A 16 3.26 2.95 -10.65
CA VAL A 16 3.48 3.79 -9.47
C VAL A 16 2.67 5.15 -9.71
N LYS A 17 2.02 5.51 -8.62
CA LYS A 17 1.17 6.75 -8.64
C LYS A 17 1.87 7.81 -7.80
N ASN A 18 1.25 9.01 -7.82
CA ASN A 18 1.95 10.11 -7.06
C ASN A 18 0.82 10.81 -6.27
N GLN A 19 0.91 10.70 -4.96
CA GLN A 19 -0.04 11.25 -4.02
C GLN A 19 0.08 12.84 -4.02
N GLY A 20 1.14 13.41 -4.52
CA GLY A 20 1.27 14.88 -4.44
C GLY A 20 1.34 15.34 -3.02
N GLN A 21 0.95 16.65 -2.82
CA GLN A 21 1.08 17.28 -1.47
CA GLN A 21 1.07 17.25 -1.43
C GLN A 21 -0.19 17.07 -0.66
N CYS A 22 -0.62 15.88 -0.54
CA CYS A 22 -1.82 15.44 0.21
C CYS A 22 -1.37 14.22 1.05
N GLY A 23 -1.72 14.14 2.32
CA GLY A 23 -1.40 13.02 3.21
C GLY A 23 -2.34 11.76 2.99
N SER A 24 -2.27 11.33 1.75
CA SER A 24 -3.16 10.22 1.26
C SER A 24 -2.40 8.90 1.00
N CYS A 25 -1.18 8.80 1.56
CA CYS A 25 -0.41 7.54 1.39
C CYS A 25 -1.32 6.36 1.73
N TRP A 26 -2.05 6.42 2.83
CA TRP A 26 -2.94 5.33 3.23
C TRP A 26 -3.87 4.89 2.15
N ALA A 27 -4.40 5.83 1.36
CA ALA A 27 -5.31 5.54 0.31
C ALA A 27 -4.61 4.82 -0.83
N PHE A 28 -3.41 5.24 -1.14
CA PHE A 28 -2.66 4.56 -2.19
C PHE A 28 -2.19 3.13 -1.70
N SER A 29 -1.85 3.01 -0.48
CA SER A 29 -1.51 1.67 0.04
C SER A 29 -2.75 0.76 -0.04
N ALA A 30 -3.92 1.29 0.35
CA ALA A 30 -5.14 0.50 0.35
C ALA A 30 -5.54 0.15 -1.07
N THR A 31 -5.56 1.09 -2.02
CA THR A 31 -5.91 0.74 -3.36
C THR A 31 -4.93 -0.27 -3.86
N GLY A 32 -3.63 -0.15 -3.57
CA GLY A 32 -2.66 -1.16 -4.17
C GLY A 32 -3.02 -2.55 -3.61
N ALA A 33 -3.35 -2.69 -2.33
CA ALA A 33 -3.67 -4.03 -1.83
C ALA A 33 -4.94 -4.55 -2.45
N LEU A 34 -5.97 -3.67 -2.63
N LEU A 34 -5.93 -3.66 -2.57
CA LEU A 34 -7.25 -4.13 -3.17
CA LEU A 34 -7.21 -4.00 -3.20
C LEU A 34 -7.07 -4.38 -4.64
C LEU A 34 -7.09 -4.36 -4.63
N GLU A 35 -6.24 -3.66 -5.38
CA GLU A 35 -5.97 -3.93 -6.79
C GLU A 35 -5.43 -5.39 -6.90
N GLY A 36 -4.48 -5.73 -6.04
CA GLY A 36 -3.94 -7.11 -6.05
C GLY A 36 -4.97 -8.12 -5.76
N GLN A 37 -5.82 -7.95 -4.74
CA GLN A 37 -6.82 -8.93 -4.36
C GLN A 37 -7.94 -9.08 -5.40
N MET A 38 -8.34 -7.98 -6.00
CA MET A 38 -9.33 -8.06 -7.09
C MET A 38 -8.70 -8.75 -8.28
N PHE A 39 -7.42 -8.47 -8.61
CA PHE A 39 -6.80 -9.22 -9.71
C PHE A 39 -6.78 -10.72 -9.39
N ARG A 40 -6.39 -11.13 -8.19
CA ARG A 40 -6.37 -12.58 -7.89
C ARG A 40 -7.79 -13.14 -8.05
N LYS A 41 -8.82 -12.40 -7.71
CA LYS A 41 -10.16 -12.89 -7.79
C LYS A 41 -10.74 -12.96 -9.22
N THR A 42 -10.46 -11.99 -10.07
CA THR A 42 -11.12 -11.85 -11.34
C THR A 42 -10.20 -11.99 -12.55
N GLY A 43 -8.86 -11.88 -12.38
CA GLY A 43 -7.99 -11.75 -13.54
C GLY A 43 -7.89 -10.42 -14.20
N ARG A 44 -8.57 -9.37 -13.63
CA ARG A 44 -8.47 -8.06 -14.31
C ARG A 44 -7.79 -7.13 -13.35
N LEU A 45 -6.82 -6.41 -13.87
CA LEU A 45 -6.11 -5.40 -13.05
C LEU A 45 -6.73 -4.03 -13.39
N ILE A 46 -7.38 -3.46 -12.38
CA ILE A 46 -8.08 -2.16 -12.63
C ILE A 46 -7.63 -1.17 -11.59
N SER A 47 -7.07 -0.04 -12.03
CA SER A 47 -6.59 1.00 -11.03
C SER A 47 -7.83 1.50 -10.31
N LEU A 48 -7.72 1.64 -9.03
CA LEU A 48 -8.80 2.07 -8.16
C LEU A 48 -8.61 3.50 -7.68
N SER A 49 -9.78 4.11 -7.29
CA SER A 49 -9.78 5.52 -6.92
C SER A 49 -9.41 5.82 -5.51
N GLU A 50 -8.16 6.41 -5.36
CA GLU A 50 -7.80 6.92 -4.07
C GLU A 50 -8.71 8.15 -3.69
N GLN A 51 -9.09 8.91 -4.75
CA GLN A 51 -9.95 10.11 -4.40
C GLN A 51 -11.21 9.70 -3.75
N ASN A 52 -11.76 8.54 -4.16
CA ASN A 52 -12.99 8.04 -3.56
C ASN A 52 -12.75 7.78 -2.08
N LEU A 53 -11.59 7.16 -1.74
CA LEU A 53 -11.30 6.96 -0.36
C LEU A 53 -11.07 8.31 0.45
N VAL A 54 -10.29 9.19 -0.16
CA VAL A 54 -9.99 10.50 0.46
C VAL A 54 -11.32 11.31 0.79
N ASP A 55 -12.23 11.24 -0.16
CA ASP A 55 -13.48 12.09 -0.04
C ASP A 55 -14.49 11.42 0.83
N CYS A 56 -14.52 10.08 0.96
CA CYS A 56 -15.72 9.43 1.41
C CYS A 56 -15.54 8.63 2.68
N SER A 57 -14.31 8.37 3.15
CA SER A 57 -14.13 7.42 4.26
C SER A 57 -13.92 8.03 5.64
N GLY A 58 -14.47 9.29 5.77
CA GLY A 58 -14.50 9.92 7.12
C GLY A 58 -15.22 9.15 8.20
N PRO A 59 -16.40 8.51 7.88
CA PRO A 59 -17.14 7.84 8.92
C PRO A 59 -16.25 6.74 9.54
N GLN A 60 -15.39 6.09 8.74
CA GLN A 60 -14.57 4.95 9.20
C GLN A 60 -13.33 5.44 9.95
N GLY A 61 -13.10 6.77 10.03
CA GLY A 61 -11.93 7.30 10.81
C GLY A 61 -10.90 7.99 9.99
N ASN A 62 -11.02 8.02 8.63
CA ASN A 62 -9.98 8.65 7.87
C ASN A 62 -10.09 10.16 7.82
N GLU A 63 -9.01 10.85 7.59
CA GLU A 63 -9.00 12.30 7.68
C GLU A 63 -8.47 12.89 6.39
N GLY A 64 -8.84 12.34 5.26
CA GLY A 64 -8.55 12.93 3.98
C GLY A 64 -7.07 13.15 3.71
N CYS A 65 -6.67 14.40 3.38
CA CYS A 65 -5.27 14.73 3.13
C CYS A 65 -4.56 14.91 4.46
N ASN A 66 -5.19 14.78 5.62
CA ASN A 66 -4.51 14.82 6.91
C ASN A 66 -4.06 13.46 7.37
N GLY A 67 -4.44 12.41 6.67
CA GLY A 67 -3.94 11.01 7.06
C GLY A 67 -5.13 10.10 7.22
N GLY A 68 -4.85 8.85 7.54
CA GLY A 68 -5.85 7.80 7.62
C GLY A 68 -5.15 6.47 7.70
N LEU A 69 -5.92 5.40 7.75
CA LEU A 69 -5.33 4.03 7.94
C LEU A 69 -5.89 3.19 6.85
N MET A 70 -5.03 2.23 6.37
CA MET A 70 -5.49 1.30 5.33
C MET A 70 -6.66 0.48 5.87
N ASP A 71 -6.65 0.06 7.12
CA ASP A 71 -7.77 -0.76 7.55
C ASP A 71 -9.05 0.04 7.59
N TYR A 72 -9.00 1.35 7.84
CA TYR A 72 -10.24 2.18 7.80
C TYR A 72 -10.64 2.28 6.35
N ALA A 73 -9.77 2.33 5.37
CA ALA A 73 -10.16 2.28 4.00
C ALA A 73 -10.84 0.97 3.59
N PHE A 74 -10.27 -0.16 4.05
CA PHE A 74 -10.92 -1.47 3.70
C PHE A 74 -12.28 -1.50 4.37
N GLN A 75 -12.44 -0.96 5.58
CA GLN A 75 -13.74 -0.97 6.23
C GLN A 75 -14.72 -0.12 5.43
N TYR A 76 -14.29 1.03 4.91
CA TYR A 76 -15.16 1.88 4.10
C TYR A 76 -15.64 1.10 2.88
N VAL A 77 -14.74 0.40 2.19
CA VAL A 77 -15.22 -0.28 0.98
C VAL A 77 -16.28 -1.36 1.34
N GLN A 78 -16.08 -2.04 2.44
CA GLN A 78 -17.09 -3.04 2.92
C GLN A 78 -18.40 -2.31 3.26
N ASP A 79 -18.33 -1.25 4.08
CA ASP A 79 -19.57 -0.55 4.48
C ASP A 79 -20.27 0.07 3.28
N ASN A 80 -19.50 0.54 2.32
CA ASN A 80 -20.03 1.25 1.19
C ASN A 80 -20.62 0.36 0.18
N GLY A 81 -20.15 -0.90 0.12
CA GLY A 81 -20.52 -1.83 -0.94
C GLY A 81 -19.81 -1.67 -2.23
N GLY A 82 -18.66 -0.92 -2.29
CA GLY A 82 -17.97 -0.79 -3.51
C GLY A 82 -16.88 0.38 -3.46
N LEU A 83 -16.20 0.43 -4.52
CA LEU A 83 -15.16 1.52 -4.75
C LEU A 83 -15.01 1.71 -6.18
N ASP A 84 -15.05 3.03 -6.58
CA ASP A 84 -14.98 3.34 -7.98
C ASP A 84 -13.59 3.17 -8.58
N SER A 85 -13.55 3.02 -9.89
CA SER A 85 -12.27 2.99 -10.63
C SER A 85 -11.57 4.33 -10.63
N GLU A 86 -10.21 4.33 -10.72
CA GLU A 86 -9.46 5.59 -10.92
C GLU A 86 -9.99 6.31 -12.10
N GLU A 87 -10.27 5.63 -13.20
CA GLU A 87 -10.70 6.35 -14.44
C GLU A 87 -12.03 7.08 -14.20
N SER A 88 -12.96 6.51 -13.44
CA SER A 88 -14.26 7.14 -13.15
C SER A 88 -14.17 8.26 -12.11
N TYR A 89 -13.15 8.26 -11.28
CA TYR A 89 -13.14 9.10 -10.08
C TYR A 89 -11.66 9.46 -9.89
N PRO A 90 -11.13 10.33 -10.78
CA PRO A 90 -9.62 10.57 -10.81
C PRO A 90 -9.10 11.34 -9.63
N TYR A 91 -7.77 11.28 -9.45
CA TYR A 91 -7.22 11.81 -8.22
C TYR A 91 -7.06 13.38 -8.37
N GLU A 92 -7.38 14.03 -7.26
CA GLU A 92 -7.33 15.52 -7.23
CA GLU A 92 -7.28 15.53 -7.23
C GLU A 92 -6.32 16.06 -6.24
N ALA A 93 -5.85 15.23 -5.32
CA ALA A 93 -4.85 15.60 -4.29
C ALA A 93 -5.31 16.67 -3.32
N THR A 94 -6.62 16.78 -3.19
CA THR A 94 -7.27 17.64 -2.11
C THR A 94 -8.55 16.95 -1.75
N GLU A 95 -8.97 17.03 -0.49
CA GLU A 95 -10.22 16.40 -0.07
C GLU A 95 -11.39 17.28 -0.58
N GLU A 96 -12.38 16.59 -1.16
CA GLU A 96 -13.52 17.20 -1.73
C GLU A 96 -14.78 16.46 -1.24
N SER A 97 -15.97 16.92 -1.62
CA SER A 97 -17.20 16.16 -1.26
C SER A 97 -17.21 14.77 -1.88
N CYS A 98 -17.85 13.87 -1.19
CA CYS A 98 -17.95 12.50 -1.68
C CYS A 98 -18.72 12.39 -2.96
N LYS A 99 -18.14 11.83 -4.00
CA LYS A 99 -18.80 11.67 -5.33
C LYS A 99 -18.98 10.19 -5.71
N TYR A 100 -18.91 9.27 -4.70
CA TYR A 100 -19.04 7.83 -5.03
C TYR A 100 -20.30 7.55 -5.83
N ASN A 101 -20.16 6.83 -6.94
CA ASN A 101 -21.29 6.42 -7.76
C ASN A 101 -21.20 4.87 -7.91
N PRO A 102 -22.17 4.10 -7.45
CA PRO A 102 -22.06 2.64 -7.49
C PRO A 102 -22.05 2.16 -8.93
N LYS A 103 -22.59 2.88 -9.89
CA LYS A 103 -22.46 2.44 -11.28
C LYS A 103 -21.03 2.12 -11.66
N TYR A 104 -20.06 2.86 -11.10
CA TYR A 104 -18.69 2.76 -11.58
C TYR A 104 -17.81 2.00 -10.58
N SER A 105 -18.49 1.31 -9.65
CA SER A 105 -17.72 0.50 -8.71
C SER A 105 -17.15 -0.71 -9.41
N VAL A 106 -15.86 -0.99 -9.18
CA VAL A 106 -15.18 -2.13 -9.78
C VAL A 106 -14.50 -2.95 -8.68
N ALA A 107 -14.73 -2.70 -7.40
CA ALA A 107 -14.09 -3.49 -6.36
C ALA A 107 -14.93 -3.56 -5.18
N ASN A 108 -14.79 -4.60 -4.33
CA ASN A 108 -15.50 -4.66 -3.02
CA ASN A 108 -15.55 -4.84 -3.15
C ASN A 108 -14.63 -5.45 -2.14
N ASP A 109 -14.94 -5.41 -0.87
CA ASP A 109 -14.18 -6.27 0.11
C ASP A 109 -15.15 -6.64 1.21
N THR A 110 -14.74 -7.67 1.92
CA THR A 110 -15.56 -8.32 2.94
C THR A 110 -14.87 -8.22 4.30
N GLY A 111 -13.87 -7.36 4.41
CA GLY A 111 -13.18 -7.13 5.67
C GLY A 111 -11.66 -7.08 5.34
N PHE A 112 -10.90 -7.40 6.39
CA PHE A 112 -9.47 -7.31 6.18
C PHE A 112 -8.81 -8.23 7.27
N VAL A 113 -7.55 -8.49 7.01
CA VAL A 113 -6.77 -9.32 7.93
C VAL A 113 -5.58 -8.48 8.38
N ASP A 114 -5.38 -8.42 9.70
CA ASP A 114 -4.13 -7.82 10.26
C ASP A 114 -3.13 -8.94 10.54
N ILE A 115 -1.98 -8.78 9.91
CA ILE A 115 -0.90 -9.82 9.98
C ILE A 115 -0.18 -9.73 11.31
N PRO A 116 0.17 -10.90 11.90
CA PRO A 116 0.91 -10.83 13.15
C PRO A 116 2.16 -9.97 12.95
N LYS A 117 2.59 -9.37 14.05
CA LYS A 117 3.62 -8.29 13.97
C LYS A 117 5.03 -8.90 14.01
N GLN A 118 5.35 -9.66 12.97
CA GLN A 118 6.72 -10.19 12.78
C GLN A 118 6.94 -10.47 11.37
N GLU A 119 8.20 -10.29 10.98
CA GLU A 119 8.63 -10.39 9.62
C GLU A 119 8.41 -11.79 9.04
N LYS A 120 8.48 -12.87 9.87
CA LYS A 120 8.24 -14.20 9.20
C LYS A 120 6.74 -14.31 8.78
N ALA A 121 5.85 -13.79 9.65
CA ALA A 121 4.43 -13.76 9.30
C ALA A 121 4.23 -12.87 8.09
N LEU A 122 4.92 -11.76 8.02
CA LEU A 122 4.78 -10.93 6.80
C LEU A 122 5.18 -11.64 5.53
N MET A 123 6.34 -12.38 5.67
CA MET A 123 6.85 -13.09 4.48
C MET A 123 5.76 -14.13 4.02
N LYS A 124 5.26 -14.87 5.00
CA LYS A 124 4.25 -15.89 4.64
C LYS A 124 3.01 -15.29 3.98
N ALA A 125 2.61 -14.07 4.46
CA ALA A 125 1.46 -13.35 3.87
C ALA A 125 1.76 -12.93 2.46
N VAL A 126 2.97 -12.30 2.26
CA VAL A 126 3.25 -11.86 0.92
C VAL A 126 3.33 -13.06 -0.06
N ALA A 127 3.94 -14.18 0.43
CA ALA A 127 4.05 -15.35 -0.49
C ALA A 127 2.67 -15.97 -0.83
N THR A 128 1.73 -15.90 0.13
CA THR A 128 0.43 -16.67 -0.10
C THR A 128 -0.67 -15.78 -0.57
N VAL A 129 -0.64 -14.45 -0.32
CA VAL A 129 -1.82 -13.58 -0.59
C VAL A 129 -1.68 -12.74 -1.81
N GLY A 130 -0.50 -12.09 -1.93
CA GLY A 130 -0.31 -11.00 -2.92
C GLY A 130 0.29 -9.78 -2.16
N PRO A 131 0.17 -8.62 -2.81
CA PRO A 131 0.71 -7.39 -2.18
C PRO A 131 0.00 -7.07 -0.91
N ILE A 132 0.74 -6.56 0.08
CA ILE A 132 0.27 -6.36 1.42
C ILE A 132 0.47 -4.86 1.80
N SER A 133 -0.56 -4.25 2.33
CA SER A 133 -0.39 -2.86 2.86
C SER A 133 0.44 -2.89 4.11
N VAL A 134 1.40 -1.95 4.21
CA VAL A 134 2.18 -1.84 5.50
C VAL A 134 2.45 -0.34 5.80
N ALA A 135 2.77 -0.11 7.06
CA ALA A 135 3.27 1.24 7.40
C ALA A 135 4.72 1.14 7.81
N ILE A 136 5.44 2.20 7.47
CA ILE A 136 6.80 2.25 7.87
C ILE A 136 7.15 3.60 8.51
N ASP A 137 8.25 3.63 9.27
CA ASP A 137 8.84 4.87 9.72
C ASP A 137 9.59 5.43 8.51
N ALA A 138 8.97 6.40 7.84
CA ALA A 138 9.60 7.03 6.67
C ALA A 138 10.19 8.48 7.05
N GLY A 139 10.22 8.75 8.34
CA GLY A 139 10.42 10.15 8.78
C GLY A 139 11.91 10.49 8.91
N HIS A 140 12.74 10.07 7.94
CA HIS A 140 14.20 10.47 7.97
C HIS A 140 14.52 10.96 6.63
N GLU A 141 15.41 11.96 6.57
CA GLU A 141 15.81 12.46 5.27
C GLU A 141 16.42 11.44 4.43
N SER A 142 17.02 10.43 5.13
CA SER A 142 17.60 9.28 4.37
C SER A 142 16.53 8.53 3.49
N PHE A 143 15.30 8.56 3.96
CA PHE A 143 14.15 8.02 3.14
C PHE A 143 13.68 8.91 2.01
N LEU A 144 13.66 10.20 2.36
CA LEU A 144 13.17 11.24 1.42
C LEU A 144 14.04 11.22 0.22
N PHE A 145 15.37 11.17 0.54
CA PHE A 145 16.35 11.24 -0.56
C PHE A 145 16.89 9.86 -0.98
N TYR A 146 16.16 8.80 -0.63
CA TYR A 146 16.63 7.44 -1.00
C TYR A 146 16.73 7.29 -2.56
N LYS A 147 17.78 6.68 -3.09
CA LYS A 147 17.82 6.53 -4.59
C LYS A 147 17.84 5.05 -5.01
N GLU A 148 18.62 4.25 -4.29
CA GLU A 148 18.80 2.83 -4.67
C GLU A 148 19.48 2.02 -3.66
N GLY A 149 19.42 0.71 -3.79
CA GLY A 149 19.97 -0.24 -2.82
C GLY A 149 19.08 -0.58 -1.70
N ILE A 150 19.58 -1.27 -0.69
CA ILE A 150 18.77 -1.60 0.44
C ILE A 150 18.73 -0.48 1.44
N TYR A 151 17.55 0.07 1.73
CA TYR A 151 17.37 1.04 2.72
C TYR A 151 17.55 0.53 4.16
N PHE A 152 18.59 1.05 4.85
CA PHE A 152 18.79 0.76 6.25
C PHE A 152 19.06 2.12 6.99
N GLU A 153 18.27 2.41 8.04
CA GLU A 153 18.39 3.61 8.79
C GLU A 153 18.51 3.23 10.25
N PRO A 154 19.71 3.58 10.82
CA PRO A 154 20.01 3.13 12.18
C PRO A 154 19.09 3.76 13.14
N ASP A 155 18.51 4.92 12.74
CA ASP A 155 17.55 5.53 13.67
C ASP A 155 16.08 5.23 13.44
N CYS A 156 15.85 4.20 12.62
CA CYS A 156 14.47 3.85 12.30
C CYS A 156 13.75 3.30 13.51
N SER A 157 12.45 3.52 13.65
CA SER A 157 11.68 2.95 14.71
C SER A 157 10.91 1.76 14.22
N SER A 158 10.70 0.74 15.07
CA SER A 158 9.80 -0.40 14.69
C SER A 158 8.40 -0.09 15.23
N GLU A 159 8.22 1.00 16.04
CA GLU A 159 6.99 1.26 16.73
C GLU A 159 6.33 2.53 16.15
N ASP A 160 7.11 3.43 15.52
CA ASP A 160 6.58 4.77 15.25
C ASP A 160 6.54 4.96 13.77
N MET A 161 5.56 4.39 13.12
CA MET A 161 5.53 4.45 11.62
C MET A 161 4.63 5.64 11.21
N ASP A 162 4.91 6.19 10.07
CA ASP A 162 4.21 7.40 9.64
C ASP A 162 3.93 7.50 8.18
N HIS A 163 3.99 6.32 7.51
CA HIS A 163 3.83 6.38 6.06
C HIS A 163 3.25 4.98 5.51
N GLY A 164 2.16 4.99 4.78
CA GLY A 164 1.58 3.72 4.29
C GLY A 164 2.07 3.52 2.92
N VAL A 165 2.49 2.22 2.70
CA VAL A 165 3.09 1.84 1.41
C VAL A 165 2.62 0.38 1.13
N LEU A 166 3.22 -0.23 0.06
CA LEU A 166 2.67 -1.59 -0.33
C LEU A 166 3.89 -2.52 -0.53
N VAL A 167 3.87 -3.66 0.17
CA VAL A 167 4.95 -4.66 -0.09
C VAL A 167 4.49 -5.55 -1.26
N VAL A 168 5.22 -5.54 -2.36
CA VAL A 168 4.84 -6.32 -3.50
C VAL A 168 5.73 -7.59 -3.64
N GLY A 169 6.71 -7.76 -2.73
CA GLY A 169 7.61 -9.00 -2.83
C GLY A 169 8.72 -8.77 -1.91
N TYR A 170 9.69 -9.69 -2.06
CA TYR A 170 10.84 -9.73 -1.20
C TYR A 170 11.91 -10.49 -1.91
N GLY A 171 13.19 -10.30 -1.52
CA GLY A 171 14.28 -11.10 -2.21
C GLY A 171 15.56 -10.71 -1.55
N PHE A 172 16.66 -10.93 -2.26
CA PHE A 172 17.95 -10.74 -1.64
C PHE A 172 18.85 -10.25 -2.69
N GLU A 173 19.84 -9.44 -2.28
CA GLU A 173 20.86 -8.92 -3.28
C GLU A 173 21.88 -9.91 -3.77
N SER A 174 22.15 -9.91 -5.11
CA SER A 174 23.11 -10.85 -5.78
C SER A 174 24.63 -10.37 -5.74
N THR A 175 25.08 -9.91 -4.57
CA THR A 175 26.34 -9.18 -4.48
C THR A 175 27.16 -9.94 -3.44
N ASN A 180 21.64 -8.87 3.72
CA ASN A 180 21.27 -8.44 2.38
C ASN A 180 19.85 -8.85 1.83
N LYS A 181 18.96 -9.19 2.73
CA LYS A 181 17.57 -9.45 2.28
C LYS A 181 16.81 -8.14 2.21
N TYR A 182 15.79 -8.06 1.39
CA TYR A 182 14.92 -6.84 1.36
C TYR A 182 13.49 -7.21 1.12
N TRP A 183 12.63 -6.24 1.55
CA TRP A 183 11.23 -6.21 1.08
C TRP A 183 11.13 -5.31 -0.10
N LEU A 184 10.44 -5.66 -1.16
CA LEU A 184 10.22 -4.82 -2.30
C LEU A 184 8.97 -3.99 -2.10
N VAL A 185 9.14 -2.66 -1.93
CA VAL A 185 8.07 -1.72 -1.52
C VAL A 185 7.71 -0.78 -2.63
N LYS A 186 6.41 -0.70 -2.98
CA LYS A 186 5.92 0.34 -3.91
C LYS A 186 5.50 1.54 -3.07
N ASN A 187 6.09 2.69 -3.42
CA ASN A 187 5.69 3.97 -2.80
C ASN A 187 4.65 4.65 -3.72
N SER A 188 4.22 5.87 -3.28
CA SER A 188 3.23 6.67 -4.00
C SER A 188 3.78 8.05 -4.14
N TRP A 189 5.11 8.16 -4.45
CA TRP A 189 5.83 9.44 -4.61
C TRP A 189 6.26 9.57 -6.02
N GLY A 190 5.59 8.95 -6.97
CA GLY A 190 5.86 9.00 -8.36
C GLY A 190 7.11 8.12 -8.73
N GLU A 191 7.24 7.92 -10.03
CA GLU A 191 8.38 7.07 -10.53
C GLU A 191 9.77 7.63 -10.38
N GLU A 192 9.89 8.92 -10.22
CA GLU A 192 11.25 9.59 -10.09
C GLU A 192 11.81 9.47 -8.77
N TRP A 193 11.10 8.92 -7.79
CA TRP A 193 11.68 8.76 -6.46
C TRP A 193 12.19 7.34 -6.37
N GLY A 194 13.31 7.13 -5.69
CA GLY A 194 13.85 5.70 -5.41
C GLY A 194 14.06 5.02 -6.78
N MET A 195 13.74 3.71 -6.78
CA MET A 195 14.09 2.83 -7.89
C MET A 195 12.85 2.76 -8.63
N GLY A 196 12.64 3.66 -9.58
CA GLY A 196 11.41 3.72 -10.35
C GLY A 196 10.10 3.82 -9.52
N GLY A 197 10.23 4.39 -8.33
CA GLY A 197 9.08 4.53 -7.45
C GLY A 197 9.05 3.53 -6.30
N TYR A 198 10.03 2.60 -6.34
CA TYR A 198 10.16 1.53 -5.36
C TYR A 198 11.30 1.69 -4.40
N VAL A 199 11.25 1.09 -3.28
CA VAL A 199 12.36 1.09 -2.34
C VAL A 199 12.54 -0.36 -1.85
N LYS A 200 13.80 -0.78 -1.75
CA LYS A 200 14.19 -2.06 -1.08
C LYS A 200 14.37 -1.81 0.33
N MET A 201 13.52 -2.23 1.23
CA MET A 201 13.59 -1.95 2.64
C MET A 201 14.31 -3.15 3.27
N ALA A 202 15.28 -2.90 4.17
CA ALA A 202 15.94 -4.01 4.83
C ALA A 202 14.91 -5.01 5.36
N LYS A 203 15.20 -6.31 5.14
CA LYS A 203 14.33 -7.40 5.67
C LYS A 203 15.11 -8.32 6.61
N ASP A 204 14.43 -8.78 7.71
CA ASP A 204 15.03 -9.74 8.68
C ASP A 204 16.13 -9.01 9.38
N ARG A 205 15.91 -7.71 9.60
CA ARG A 205 16.73 -6.88 10.42
C ARG A 205 16.05 -6.23 11.53
N ARG A 206 15.42 -7.02 12.41
CA ARG A 206 14.73 -6.65 13.59
C ARG A 206 13.52 -5.76 13.23
N ASN A 207 12.77 -6.14 12.19
CA ASN A 207 11.51 -5.41 11.80
C ASN A 207 11.87 -3.96 11.56
N HIS A 208 12.78 -3.78 10.61
CA HIS A 208 13.40 -2.46 10.42
C HIS A 208 12.26 -1.54 9.93
N CYS A 209 12.21 -0.37 10.63
CA CYS A 209 11.29 0.72 10.31
C CYS A 209 9.86 0.24 10.46
N GLY A 210 9.64 -0.85 11.25
CA GLY A 210 8.31 -1.21 11.64
C GLY A 210 7.47 -1.77 10.48
N ILE A 211 8.13 -2.23 9.41
CA ILE A 211 7.41 -2.76 8.25
C ILE A 211 6.48 -3.89 8.55
N ALA A 212 6.68 -4.71 9.60
CA ALA A 212 5.75 -5.72 9.95
C ALA A 212 4.87 -5.39 11.06
N SER A 213 4.90 -4.05 11.49
CA SER A 213 4.13 -3.70 12.68
C SER A 213 2.67 -3.31 12.40
N ALA A 214 2.34 -2.97 11.16
CA ALA A 214 0.97 -2.60 10.85
C ALA A 214 0.66 -3.05 9.44
N ALA A 215 0.79 -4.38 9.26
CA ALA A 215 0.63 -4.93 7.91
C ALA A 215 -0.78 -5.59 7.81
N SER A 216 -1.44 -5.35 6.66
CA SER A 216 -2.79 -5.93 6.50
C SER A 216 -3.14 -5.99 5.05
N TYR A 217 -4.27 -6.70 4.80
CA TYR A 217 -4.78 -6.78 3.41
C TYR A 217 -6.32 -6.98 3.47
N PRO A 218 -6.98 -6.66 2.38
CA PRO A 218 -8.42 -6.82 2.38
C PRO A 218 -8.80 -8.26 1.95
N THR A 219 -9.93 -8.70 2.41
CA THR A 219 -10.52 -9.96 1.89
C THR A 219 -11.54 -9.61 0.86
N VAL A 220 -11.66 -10.42 -0.19
CA VAL A 220 -12.55 -10.14 -1.27
C VAL A 220 -13.50 -11.35 -1.58
C2 GH4 B . -4.49 10.63 10.50
C3 GH4 B . -5.29 9.59 10.84
C5 GH4 B . -6.74 8.25 11.86
C9 GH4 B . -2.51 9.03 10.34
C10 GH4 B . -1.07 8.80 10.05
C11 GH4 B . 0.78 4.48 10.49
C12 GH4 B . 0.31 3.32 11.12
C13 GH4 B . -0.50 2.53 10.31
C14 GH4 B . -0.96 2.79 9.10
C21 GH4 B . -0.49 9.62 7.73
C28 GH4 B . -0.41 11.07 7.97
C1 GH4 B . -3.13 10.33 10.31
O4 GH4 B . -6.63 9.45 11.09
O6 GH4 B . -5.72 7.47 11.25
C7 GH4 B . -4.70 8.29 10.88
C8 GH4 B . -3.31 8.05 10.67
C15 GH4 B . -0.63 3.98 8.50
C16 GH4 B . 0.36 4.76 9.20
O17 GH4 B . 0.87 5.99 8.71
C18 GH4 B . 0.39 6.59 7.60
C19 GH4 B . -1.00 7.26 8.02
N20 GH4 B . -0.89 8.69 8.58
N22 GH4 B . -0.19 9.28 6.49
N23 GH4 B . 0.89 10.36 3.29
C24 GH4 B . 0.50 9.61 4.26
C25 GH4 B . 0.19 10.14 5.53
N26 GH4 B . 0.31 11.47 5.72
C27 GH4 B . -0.03 11.85 6.93
F29 GH4 B . -0.75 11.60 9.21
C1 EDO C . -2.24 9.68 -8.87
O1 EDO C . -1.04 9.29 -9.59
C2 EDO C . -3.35 8.57 -9.16
O2 EDO C . -3.86 8.66 -10.52
C1 EDO D . -17.31 10.14 -9.73
O1 EDO D . -18.48 10.85 -9.39
C2 EDO D . -17.81 8.69 -9.94
O2 EDO D . -18.76 8.63 -11.04
C1 EDO E . 6.60 10.66 6.32
O1 EDO E . 7.77 10.81 7.20
C2 EDO E . 6.99 10.63 4.89
O2 EDO E . 7.68 11.87 4.62
C1 EDO F . -6.08 4.96 -14.08
O1 EDO F . -6.98 4.14 -14.86
C2 EDO F . -6.06 6.44 -14.45
O2 EDO F . -7.28 6.97 -15.08
C1 EDO G . -22.22 -1.58 -6.94
O1 EDO G . -22.41 -1.75 -5.46
C2 EDO G . -21.70 -3.01 -7.21
O2 EDO G . -21.71 -2.97 -8.64
C1 EDO H . 5.29 -14.01 -7.26
O1 EDO H . 6.69 -13.95 -7.64
C2 EDO H . 4.83 -15.46 -6.97
O2 EDO H . 5.32 -15.92 -5.66
C1 EDO I . -12.45 12.83 6.13
O1 EDO I . -12.75 13.02 7.45
C2 EDO I . -13.29 12.39 5.21
O2 EDO I . -13.27 12.63 3.85
C1 EDO J . 0.17 -18.34 6.85
O1 EDO J . 0.57 -17.18 6.25
C2 EDO J . -0.22 -19.35 5.68
O2 EDO J . -1.36 -18.87 4.92
#